data_4HQ1
#
_entry.id   4HQ1
#
_cell.length_a   43.192
_cell.length_b   50.511
_cell.length_c   61.842
_cell.angle_alpha   98.85
_cell.angle_beta   108.74
_cell.angle_gamma   108.10
#
_symmetry.space_group_name_H-M   'P 1'
#
loop_
_entity.id
_entity.type
_entity.pdbx_description
1 polymer 'Probable receptor protein kinase TMK1'
2 branched alpha-D-mannopyranose-(1-3)-beta-D-mannopyranose-(1-4)-2-acetamido-2-deoxy-beta-D-glucopyranose-(1-4)-[alpha-L-fucopyranose-(1-6)]2-acetamido-2-deoxy-beta-D-glucopyranose
3 branched 2-acetamido-2-deoxy-beta-D-glucopyranose-(1-4)-2-acetamido-2-deoxy-beta-D-glucopyranose
4 water water
#
_entity_poly.entity_id   1
_entity_poly.type   'polypeptide(L)'
_entity_poly.pdbx_seq_one_letter_code
;MKKRRTFLLFSFTFLLLLSLSKADSDGDLSAMLSLKKSLNPPSSFGWSDPDPCKWTHIVCTGTKRVTRIQIGHSGLQGTL
SPDLRNLSELERLELQWNNISGPVPSLSGLASLQVLMLSNNNFDSIPSDVFQGLTSLQSVEIDNNPFKSWEIPESLRNAS
ALQNFSANSANVSGSLPGFLGPDEFPGLSILHLAFNNLEGELPMSLAGSQVQSLWLNGQKLTGDITVLQNMTGLKEVWLH
SNKFSGPLPDFSGLKELESLSLRDNSFTGPVPASLLSLESLKVVNLTNNHLQGPVPVFKSSVSVDLDKDSNSFCLSSPGE
CDPRVKSLLLIASSFDYPPRLAESWKGNDPCTNWIGIACSNGNITVISLEKMELTGTISPEFGAIKSLQRIILGINNLTG
MIPQELTTLPNLKTLDVSSNKLFGKVPGFRSNVVVNTNGNPDIGKDKSSLSSPGSSSPSGGSGSGINGDHHHHHH
;
_entity_poly.pdbx_strand_id   A
#
loop_
_chem_comp.id
_chem_comp.type
_chem_comp.name
_chem_comp.formula
BMA D-saccharide, beta linking beta-D-mannopyranose 'C6 H12 O6'
FUC L-saccharide, alpha linking alpha-L-fucopyranose 'C6 H12 O5'
MAN D-saccharide, alpha linking alpha-D-mannopyranose 'C6 H12 O6'
NAG D-saccharide, beta linking 2-acetamido-2-deoxy-beta-D-glucopyranose 'C8 H15 N O6'
#
# COMPACT_ATOMS: atom_id res chain seq x y z
N ASP A 24 29.78 -26.49 19.14
CA ASP A 24 30.43 -26.40 20.44
C ASP A 24 31.48 -25.28 20.46
N SER A 25 32.19 -25.17 21.58
CA SER A 25 33.15 -24.08 21.71
C SER A 25 34.30 -24.14 20.70
N ASP A 26 34.76 -25.34 20.37
CA ASP A 26 35.76 -25.49 19.33
C ASP A 26 35.25 -25.03 17.97
N GLY A 27 33.99 -25.36 17.69
CA GLY A 27 33.35 -24.95 16.46
C GLY A 27 33.22 -23.44 16.37
N ASP A 28 32.86 -22.81 17.48
CA ASP A 28 32.77 -21.36 17.54
C ASP A 28 34.14 -20.71 17.34
N LEU A 29 35.16 -21.27 17.98
CA LEU A 29 36.52 -20.78 17.81
C LEU A 29 36.91 -20.77 16.33
N SER A 30 36.67 -21.89 15.66
CA SER A 30 37.02 -22.01 14.25
C SER A 30 36.25 -20.99 13.41
N ALA A 31 34.96 -20.83 13.69
CA ALA A 31 34.14 -19.89 12.93
C ALA A 31 34.59 -18.45 13.14
N MET A 32 34.95 -18.09 14.37
CA MET A 32 35.43 -16.75 14.64
C MET A 32 36.75 -16.46 13.92
N LEU A 33 37.64 -17.45 13.86
CA LEU A 33 38.89 -17.29 13.11
C LEU A 33 38.61 -17.08 11.63
N SER A 34 37.60 -17.78 11.10
CA SER A 34 37.24 -17.61 9.70
C SER A 34 36.66 -16.22 9.45
N LEU A 35 35.87 -15.74 10.40
CA LEU A 35 35.29 -14.40 10.29
C LEU A 35 36.38 -13.32 10.38
N LYS A 36 37.35 -13.52 11.25
CA LYS A 36 38.45 -12.57 11.34
C LYS A 36 39.19 -12.51 10.00
N LYS A 37 39.43 -13.67 9.40
CA LYS A 37 40.13 -13.72 8.13
C LYS A 37 39.36 -13.03 7.02
N SER A 38 38.05 -13.26 6.96
CA SER A 38 37.24 -12.69 5.89
C SER A 38 37.05 -11.18 6.04
N LEU A 39 36.77 -10.73 7.26
CA LEU A 39 36.58 -9.30 7.52
C LEU A 39 37.89 -8.53 7.50
N ASN A 40 38.98 -9.18 7.91
CA ASN A 40 40.30 -8.58 7.94
C ASN A 40 40.35 -7.25 8.69
N PRO A 41 39.96 -7.25 9.96
CA PRO A 41 39.92 -6.01 10.75
C PRO A 41 41.30 -5.43 10.97
N PRO A 42 41.38 -4.12 11.24
CA PRO A 42 42.63 -3.43 11.55
C PRO A 42 43.39 -4.11 12.68
N SER A 43 44.70 -3.94 12.72
CA SER A 43 45.53 -4.58 13.74
C SER A 43 45.17 -4.13 15.15
N SER A 44 44.60 -2.93 15.29
CA SER A 44 44.24 -2.41 16.60
C SER A 44 42.79 -2.67 16.95
N PHE A 45 42.10 -3.44 16.12
CA PHE A 45 40.68 -3.68 16.34
C PHE A 45 40.43 -4.49 17.60
N GLY A 46 41.34 -5.42 17.91
CA GLY A 46 41.21 -6.21 19.12
C GLY A 46 40.85 -7.68 18.95
N TRP A 47 41.03 -8.22 17.75
CA TRP A 47 40.76 -9.64 17.51
C TRP A 47 42.06 -10.42 17.46
N SER A 48 42.88 -10.24 18.49
CA SER A 48 44.22 -10.81 18.48
C SER A 48 44.45 -12.02 19.41
N ASP A 49 43.68 -12.13 20.50
CA ASP A 49 43.85 -13.24 21.44
C ASP A 49 43.56 -14.60 20.78
N PRO A 50 44.21 -15.68 21.26
CA PRO A 50 43.92 -17.00 20.69
C PRO A 50 42.49 -17.46 21.00
N ASP A 51 41.88 -16.84 22.01
CA ASP A 51 40.51 -17.16 22.42
C ASP A 51 39.59 -16.03 21.99
N PRO A 52 38.76 -16.27 20.95
CA PRO A 52 37.92 -15.19 20.43
C PRO A 52 36.91 -14.67 21.45
N CYS A 53 36.65 -15.44 22.51
CA CYS A 53 35.77 -14.95 23.56
C CYS A 53 36.41 -13.82 24.36
N LYS A 54 37.70 -13.61 24.14
CA LYS A 54 38.41 -12.50 24.77
C LYS A 54 38.56 -11.30 23.83
N TRP A 55 38.07 -11.44 22.59
CA TRP A 55 38.18 -10.36 21.59
C TRP A 55 37.27 -9.19 21.91
N THR A 56 37.64 -8.02 21.43
CA THR A 56 36.77 -6.86 21.53
C THR A 56 35.43 -7.12 20.84
N HIS A 57 34.37 -6.61 21.45
CA HIS A 57 33.03 -6.56 20.84
C HIS A 57 32.37 -7.93 20.69
N ILE A 58 32.93 -8.94 21.35
CA ILE A 58 32.36 -10.28 21.36
C ILE A 58 31.87 -10.61 22.76
N VAL A 59 30.69 -11.23 22.83
CA VAL A 59 30.19 -11.73 24.11
C VAL A 59 30.04 -13.23 23.99
N CYS A 60 30.58 -13.95 24.98
CA CYS A 60 30.43 -15.40 25.07
C CYS A 60 29.82 -15.80 26.40
N THR A 61 29.25 -17.00 26.45
CA THR A 61 28.84 -17.60 27.71
C THR A 61 30.07 -18.08 28.46
N GLY A 62 29.85 -18.55 29.68
CA GLY A 62 30.93 -19.04 30.51
C GLY A 62 31.53 -20.34 29.98
N THR A 63 30.84 -20.97 29.04
CA THR A 63 31.36 -22.18 28.42
C THR A 63 31.85 -21.91 27.00
N LYS A 64 32.13 -20.63 26.75
CA LYS A 64 32.82 -20.19 25.54
C LYS A 64 32.01 -20.38 24.26
N ARG A 65 30.71 -20.15 24.36
CA ARG A 65 29.87 -20.08 23.17
C ARG A 65 29.59 -18.62 22.83
N VAL A 66 29.75 -18.27 21.56
CA VAL A 66 29.55 -16.89 21.14
C VAL A 66 28.07 -16.53 21.09
N THR A 67 27.68 -15.47 21.79
CA THR A 67 26.28 -15.06 21.79
C THR A 67 26.05 -13.70 21.15
N ARG A 68 27.06 -12.83 21.13
CA ARG A 68 26.91 -11.54 20.47
C ARG A 68 28.17 -11.14 19.71
N ILE A 69 27.97 -10.58 18.52
CA ILE A 69 29.03 -9.95 17.76
C ILE A 69 28.53 -8.56 17.41
N GLN A 70 29.14 -7.53 17.99
CA GLN A 70 28.61 -6.17 17.87
C GLN A 70 29.68 -5.21 17.37
N ILE A 71 29.82 -5.17 16.05
CA ILE A 71 30.87 -4.42 15.39
C ILE A 71 30.32 -3.46 14.32
N GLY A 72 29.14 -2.90 14.58
CA GLY A 72 28.64 -1.82 13.75
C GLY A 72 29.58 -0.62 13.81
N HIS A 73 29.54 0.21 12.77
CA HIS A 73 30.29 1.47 12.77
C HIS A 73 31.77 1.27 13.08
N SER A 74 32.37 0.27 12.46
CA SER A 74 33.75 -0.12 12.79
C SER A 74 34.73 0.01 11.62
N GLY A 75 34.26 0.56 10.50
CA GLY A 75 35.11 0.76 9.33
C GLY A 75 35.61 -0.51 8.66
N LEU A 76 34.85 -1.60 8.77
CA LEU A 76 35.27 -2.88 8.24
C LEU A 76 35.09 -2.99 6.72
N GLN A 77 36.02 -3.69 6.06
CA GLN A 77 36.12 -3.65 4.59
C GLN A 77 36.15 -5.01 3.87
N GLY A 78 36.14 -6.10 4.61
CA GLY A 78 36.31 -7.41 3.99
C GLY A 78 35.03 -8.01 3.47
N THR A 79 34.88 -9.32 3.68
CA THR A 79 33.65 -10.04 3.35
C THR A 79 33.22 -10.86 4.56
N LEU A 80 32.08 -11.52 4.47
CA LEU A 80 31.54 -12.34 5.57
C LEU A 80 31.69 -13.84 5.32
N SER A 81 32.41 -14.51 6.21
CA SER A 81 32.60 -15.96 6.09
C SER A 81 31.28 -16.73 6.23
N PRO A 82 31.09 -17.75 5.39
CA PRO A 82 29.89 -18.60 5.52
C PRO A 82 29.87 -19.36 6.84
N ASP A 83 31.00 -19.43 7.54
CA ASP A 83 31.06 -20.18 8.81
C ASP A 83 30.26 -19.50 9.93
N LEU A 84 29.79 -18.29 9.67
CA LEU A 84 28.91 -17.59 10.59
C LEU A 84 27.75 -18.49 11.07
N ARG A 85 27.22 -19.30 10.15
CA ARG A 85 26.06 -20.14 10.48
C ARG A 85 26.37 -21.26 11.47
N ASN A 86 27.65 -21.44 11.81
CA ASN A 86 28.06 -22.46 12.78
C ASN A 86 27.97 -22.01 14.23
N LEU A 87 27.74 -20.70 14.45
CA LEU A 87 27.68 -20.16 15.80
C LEU A 87 26.28 -20.39 16.39
N SER A 88 26.02 -21.61 16.85
CA SER A 88 24.66 -22.03 17.12
C SER A 88 23.95 -21.24 18.23
N GLU A 89 24.72 -20.61 19.11
CA GLU A 89 24.13 -19.86 20.23
C GLU A 89 24.12 -18.36 19.97
N LEU A 90 24.47 -17.95 18.75
CA LEU A 90 24.52 -16.52 18.43
C LEU A 90 23.14 -15.91 18.55
N GLU A 91 23.04 -14.81 19.30
CA GLU A 91 21.76 -14.14 19.57
C GLU A 91 21.66 -12.80 18.85
N ARG A 92 22.76 -12.09 18.77
CA ARG A 92 22.75 -10.74 18.23
C ARG A 92 23.94 -10.51 17.33
N LEU A 93 23.67 -10.12 16.08
CA LEU A 93 24.71 -9.90 15.10
C LEU A 93 24.55 -8.49 14.57
N GLU A 94 25.51 -7.63 14.91
CA GLU A 94 25.48 -6.25 14.44
C GLU A 94 26.68 -5.97 13.56
N LEU A 95 26.44 -5.74 12.27
CA LEU A 95 27.48 -5.43 11.31
C LEU A 95 27.16 -4.15 10.55
N GLN A 96 26.15 -3.43 11.01
CA GLN A 96 25.64 -2.25 10.30
C GLN A 96 26.66 -1.11 10.19
N TRP A 97 26.53 -0.32 9.13
CA TRP A 97 27.39 0.86 8.94
C TRP A 97 28.87 0.50 8.93
N ASN A 98 29.19 -0.45 8.07
CA ASN A 98 30.55 -0.74 7.67
C ASN A 98 30.64 -0.68 6.15
N ASN A 99 31.63 -1.33 5.58
CA ASN A 99 31.75 -1.39 4.13
C ASN A 99 32.03 -2.82 3.69
N ILE A 100 31.30 -3.75 4.30
CA ILE A 100 31.50 -5.16 4.01
C ILE A 100 30.89 -5.48 2.65
N SER A 101 31.63 -6.23 1.85
CA SER A 101 31.17 -6.55 0.49
C SER A 101 30.93 -8.05 0.32
N GLY A 102 30.57 -8.44 -0.90
CA GLY A 102 30.30 -9.84 -1.18
C GLY A 102 28.89 -10.22 -0.80
N PRO A 103 28.56 -11.50 -0.90
CA PRO A 103 27.21 -11.98 -0.55
C PRO A 103 27.02 -12.13 0.95
N VAL A 104 25.80 -11.86 1.42
CA VAL A 104 25.44 -12.26 2.77
C VAL A 104 25.39 -13.77 2.74
N PRO A 105 26.16 -14.42 3.62
CA PRO A 105 26.14 -15.90 3.62
C PRO A 105 24.79 -16.39 4.15
N SER A 106 24.40 -17.60 3.76
CA SER A 106 23.21 -18.16 4.39
C SER A 106 23.40 -18.23 5.89
N LEU A 107 22.39 -17.77 6.64
CA LEU A 107 22.42 -17.86 8.08
C LEU A 107 21.59 -19.05 8.56
N SER A 108 21.22 -19.92 7.62
CA SER A 108 20.35 -21.03 7.94
C SER A 108 20.82 -21.82 9.16
N GLY A 109 19.88 -22.11 10.05
CA GLY A 109 20.17 -22.93 11.21
C GLY A 109 20.56 -22.17 12.48
N LEU A 110 20.67 -20.85 12.41
CA LEU A 110 20.96 -20.06 13.61
C LEU A 110 19.67 -19.88 14.42
N ALA A 111 19.29 -20.90 15.17
CA ALA A 111 17.97 -20.95 15.81
C ALA A 111 17.83 -20.01 17.00
N SER A 112 18.94 -19.43 17.46
CA SER A 112 18.86 -18.48 18.57
C SER A 112 19.06 -17.03 18.14
N LEU A 113 19.31 -16.79 16.85
CA LEU A 113 19.54 -15.44 16.38
C LEU A 113 18.27 -14.60 16.52
N GLN A 114 18.38 -13.52 17.28
CA GLN A 114 17.22 -12.74 17.68
C GLN A 114 17.24 -11.37 17.00
N VAL A 115 18.44 -10.82 16.84
CA VAL A 115 18.63 -9.50 16.24
C VAL A 115 19.69 -9.57 15.15
N LEU A 116 19.33 -9.14 13.95
CA LEU A 116 20.24 -9.16 12.81
C LEU A 116 20.28 -7.79 12.17
N MET A 117 21.43 -7.15 12.20
CA MET A 117 21.57 -5.80 11.64
C MET A 117 22.70 -5.76 10.62
N LEU A 118 22.34 -5.56 9.36
CA LEU A 118 23.30 -5.56 8.26
C LEU A 118 23.21 -4.28 7.43
N SER A 119 22.39 -3.33 7.87
CA SER A 119 22.14 -2.12 7.09
C SER A 119 23.41 -1.34 6.74
N ASN A 120 23.37 -0.63 5.61
CA ASN A 120 24.45 0.28 5.24
C ASN A 120 25.81 -0.40 5.13
N ASN A 121 25.87 -1.35 4.22
CA ASN A 121 27.11 -2.02 3.84
C ASN A 121 27.22 -2.08 2.32
N ASN A 122 28.05 -3.01 1.83
CA ASN A 122 28.26 -3.13 0.40
C ASN A 122 27.94 -4.55 -0.09
N PHE A 123 26.99 -5.20 0.58
CA PHE A 123 26.63 -6.57 0.22
C PHE A 123 25.99 -6.60 -1.16
N ASP A 124 26.40 -7.56 -1.99
CA ASP A 124 25.90 -7.58 -3.37
C ASP A 124 24.80 -8.60 -3.61
N SER A 125 24.47 -9.39 -2.59
CA SER A 125 23.36 -10.34 -2.71
C SER A 125 22.99 -10.94 -1.36
N ILE A 126 21.77 -11.48 -1.30
CA ILE A 126 21.27 -12.17 -0.12
C ILE A 126 20.46 -13.38 -0.59
N PRO A 127 20.79 -14.58 -0.08
CA PRO A 127 20.20 -15.81 -0.63
C PRO A 127 18.80 -16.14 -0.11
N SER A 128 18.04 -16.91 -0.88
CA SER A 128 16.66 -17.20 -0.52
C SER A 128 16.53 -18.02 0.76
N ASP A 129 17.57 -18.78 1.11
CA ASP A 129 17.52 -19.58 2.34
C ASP A 129 18.11 -18.87 3.55
N VAL A 130 18.34 -17.57 3.42
CA VAL A 130 19.03 -16.82 4.48
C VAL A 130 18.35 -16.91 5.84
N PHE A 131 17.03 -17.01 5.85
CA PHE A 131 16.26 -17.04 7.10
C PHE A 131 15.82 -18.43 7.53
N GLN A 132 16.30 -19.45 6.84
CA GLN A 132 15.84 -20.80 7.07
C GLN A 132 16.11 -21.27 8.50
N GLY A 133 15.05 -21.61 9.24
CA GLY A 133 15.20 -22.11 10.59
C GLY A 133 15.56 -21.05 11.63
N LEU A 134 15.43 -19.79 11.27
CA LEU A 134 15.71 -18.70 12.22
C LEU A 134 14.47 -18.44 13.07
N THR A 135 14.19 -19.38 13.97
CA THR A 135 12.96 -19.36 14.76
C THR A 135 12.93 -18.30 15.86
N SER A 136 14.10 -17.77 16.23
CA SER A 136 14.17 -16.78 17.30
C SER A 136 14.17 -15.35 16.79
N LEU A 137 14.18 -15.18 15.47
CA LEU A 137 14.39 -13.87 14.89
C LEU A 137 13.28 -12.90 15.26
N GLN A 138 13.67 -11.76 15.83
CA GLN A 138 12.70 -10.72 16.20
C GLN A 138 12.88 -9.42 15.42
N SER A 139 14.12 -9.10 15.10
CA SER A 139 14.42 -7.84 14.42
C SER A 139 15.44 -8.05 13.32
N VAL A 140 15.09 -7.60 12.11
CA VAL A 140 15.96 -7.69 10.95
C VAL A 140 16.04 -6.32 10.31
N GLU A 141 17.26 -5.83 10.14
CA GLU A 141 17.48 -4.56 9.47
C GLU A 141 18.58 -4.76 8.43
N ILE A 142 18.24 -4.63 7.16
CA ILE A 142 19.21 -4.86 6.09
C ILE A 142 19.16 -3.75 5.04
N ASP A 143 18.71 -2.57 5.46
CA ASP A 143 18.54 -1.43 4.58
C ASP A 143 19.82 -1.01 3.87
N ASN A 144 19.66 -0.35 2.73
CA ASN A 144 20.76 0.35 2.10
C ASN A 144 21.95 -0.55 1.80
N ASN A 145 21.69 -1.61 1.05
CA ASN A 145 22.73 -2.46 0.49
C ASN A 145 22.48 -2.62 -0.99
N PRO A 146 23.55 -2.68 -1.79
CA PRO A 146 23.44 -2.85 -3.24
C PRO A 146 23.18 -4.30 -3.64
N PHE A 147 22.18 -4.92 -3.03
CA PHE A 147 21.81 -6.30 -3.33
C PHE A 147 21.36 -6.43 -4.79
N LYS A 148 21.66 -7.56 -5.41
CA LYS A 148 21.01 -7.88 -6.67
C LYS A 148 19.52 -8.10 -6.40
N SER A 149 18.70 -7.87 -7.41
CA SER A 149 17.26 -8.02 -7.25
C SER A 149 16.87 -9.32 -6.56
N TRP A 150 15.99 -9.23 -5.57
CA TRP A 150 15.56 -10.41 -4.83
C TRP A 150 14.14 -10.24 -4.28
N GLU A 151 13.45 -11.35 -4.07
CA GLU A 151 12.12 -11.33 -3.47
C GLU A 151 12.17 -11.74 -2.00
N ILE A 152 11.25 -11.20 -1.19
CA ILE A 152 11.18 -11.60 0.21
C ILE A 152 10.92 -13.11 0.25
N PRO A 153 11.83 -13.87 0.86
CA PRO A 153 11.80 -15.33 0.74
C PRO A 153 10.90 -16.07 1.71
N GLU A 154 10.39 -17.21 1.27
CA GLU A 154 9.55 -18.08 2.08
C GLU A 154 10.24 -18.52 3.36
N SER A 155 11.58 -18.54 3.35
CA SER A 155 12.33 -19.00 4.52
C SER A 155 12.06 -18.15 5.76
N LEU A 156 11.56 -16.94 5.55
CA LEU A 156 11.26 -16.05 6.66
C LEU A 156 10.10 -16.55 7.51
N ARG A 157 9.30 -17.46 6.96
CA ARG A 157 8.06 -17.89 7.59
C ARG A 157 8.22 -18.64 8.92
N ASN A 158 9.44 -19.06 9.27
CA ASN A 158 9.65 -19.72 10.54
C ASN A 158 9.92 -18.75 11.69
N ALA A 159 10.03 -17.47 11.38
CA ALA A 159 10.27 -16.45 12.40
C ALA A 159 8.95 -15.96 12.97
N SER A 160 8.28 -16.82 13.74
CA SER A 160 6.94 -16.53 14.23
C SER A 160 6.89 -15.39 15.23
N ALA A 161 8.03 -15.07 15.83
CA ALA A 161 8.09 -13.94 16.77
C ALA A 161 8.64 -12.67 16.12
N LEU A 162 8.77 -12.69 14.80
CA LEU A 162 9.26 -11.50 14.09
C LEU A 162 8.46 -10.26 14.45
N GLN A 163 9.16 -9.19 14.79
CA GLN A 163 8.52 -7.94 15.18
C GLN A 163 8.88 -6.80 14.25
N ASN A 164 10.13 -6.76 13.82
CA ASN A 164 10.65 -5.66 13.01
C ASN A 164 11.37 -6.19 11.79
N PHE A 165 10.89 -5.79 10.61
CA PHE A 165 11.58 -6.15 9.39
C PHE A 165 11.77 -4.90 8.55
N SER A 166 13.03 -4.50 8.39
CA SER A 166 13.36 -3.29 7.66
C SER A 166 14.33 -3.62 6.54
N ALA A 167 13.94 -3.27 5.31
CA ALA A 167 14.77 -3.48 4.14
C ALA A 167 14.50 -2.38 3.12
N ASN A 168 14.61 -1.13 3.58
CA ASN A 168 14.47 0.01 2.70
C ASN A 168 15.67 0.07 1.76
N SER A 169 15.42 0.48 0.51
CA SER A 169 16.51 0.69 -0.45
C SER A 169 17.43 -0.53 -0.53
N ALA A 170 16.83 -1.69 -0.74
CA ALA A 170 17.58 -2.94 -0.75
C ALA A 170 17.29 -3.77 -1.99
N ASN A 171 16.71 -3.13 -3.00
CA ASN A 171 16.44 -3.77 -4.28
C ASN A 171 15.47 -4.95 -4.19
N VAL A 172 14.54 -4.87 -3.24
CA VAL A 172 13.52 -5.90 -3.10
C VAL A 172 12.58 -5.82 -4.31
N SER A 173 12.30 -6.96 -4.91
CA SER A 173 11.49 -7.00 -6.12
C SER A 173 10.31 -7.97 -6.00
N GLY A 174 9.48 -7.97 -7.03
CA GLY A 174 8.33 -8.80 -7.00
C GLY A 174 7.18 -8.14 -6.32
N SER A 175 6.28 -8.96 -5.85
CA SER A 175 5.13 -8.55 -5.07
C SER A 175 5.37 -8.64 -3.58
N LEU A 176 4.54 -7.95 -2.83
CA LEU A 176 4.55 -8.02 -1.38
C LEU A 176 3.89 -9.34 -1.02
N PRO A 177 4.63 -10.28 -0.45
CA PRO A 177 4.04 -11.58 -0.27
C PRO A 177 2.97 -11.58 0.82
N GLY A 178 1.91 -12.32 0.56
CA GLY A 178 0.83 -12.45 1.51
C GLY A 178 1.20 -13.17 2.80
N PHE A 179 2.25 -13.97 2.76
CA PHE A 179 2.62 -14.65 4.00
C PHE A 179 3.02 -13.69 5.11
N LEU A 180 3.09 -12.40 4.81
CA LEU A 180 3.47 -11.41 5.82
C LEU A 180 2.31 -11.10 6.78
N GLY A 181 1.16 -11.72 6.54
CA GLY A 181 -0.01 -11.52 7.37
C GLY A 181 0.10 -12.12 8.76
N PRO A 182 -0.96 -11.97 9.57
CA PRO A 182 -0.93 -12.42 10.97
C PRO A 182 -0.93 -13.94 11.12
N ASP A 183 -1.29 -14.65 10.10
CA ASP A 183 -1.33 -16.07 10.20
C ASP A 183 0.06 -16.63 10.45
N GLU A 184 1.07 -15.99 9.92
CA GLU A 184 2.43 -16.43 10.15
C GLU A 184 3.27 -15.44 10.95
N PHE A 185 2.86 -14.18 10.96
CA PHE A 185 3.57 -13.15 11.73
C PHE A 185 2.64 -12.37 12.66
N PRO A 186 2.12 -13.05 13.70
CA PRO A 186 1.18 -12.45 14.65
C PRO A 186 1.80 -11.34 15.49
N GLY A 187 3.12 -11.24 15.50
CA GLY A 187 3.80 -10.22 16.30
C GLY A 187 4.41 -9.09 15.48
N LEU A 188 4.21 -9.11 14.17
CA LEU A 188 4.83 -8.12 13.29
C LEU A 188 4.36 -6.72 13.66
N SER A 189 5.31 -5.82 13.86
CA SER A 189 5.01 -4.48 14.36
C SER A 189 5.54 -3.40 13.39
N ILE A 190 6.73 -3.62 12.85
CA ILE A 190 7.36 -2.70 11.92
C ILE A 190 7.69 -3.43 10.63
N LEU A 191 7.17 -2.94 9.52
CA LEU A 191 7.49 -3.48 8.20
C LEU A 191 7.85 -2.32 7.29
N HIS A 192 9.14 -2.14 7.06
CA HIS A 192 9.63 -1.02 6.27
C HIS A 192 10.28 -1.56 5.00
N LEU A 193 9.71 -1.24 3.85
CA LEU A 193 10.21 -1.70 2.57
C LEU A 193 10.16 -0.57 1.54
N ALA A 194 10.57 0.60 1.96
CA ALA A 194 10.51 1.78 1.10
C ALA A 194 11.61 1.75 0.03
N PHE A 195 11.35 2.40 -1.09
CA PHE A 195 12.35 2.62 -2.13
C PHE A 195 12.92 1.32 -2.69
N ASN A 196 12.07 0.32 -2.82
CA ASN A 196 12.45 -0.92 -3.49
C ASN A 196 11.83 -0.96 -4.89
N ASN A 197 11.63 -2.16 -5.42
CA ASN A 197 11.05 -2.31 -6.75
C ASN A 197 9.75 -3.10 -6.70
N LEU A 198 9.03 -3.00 -5.60
CA LEU A 198 7.82 -3.78 -5.43
C LEU A 198 6.74 -3.35 -6.41
N GLU A 199 5.98 -4.33 -6.90
CA GLU A 199 4.86 -4.06 -7.77
C GLU A 199 3.68 -4.93 -7.38
N GLY A 200 2.59 -4.83 -8.14
CA GLY A 200 1.40 -5.60 -7.82
C GLY A 200 0.62 -4.99 -6.67
N GLU A 201 -0.41 -5.70 -6.24
CA GLU A 201 -1.34 -5.18 -5.25
C GLU A 201 -1.01 -5.64 -3.83
N LEU A 202 -1.56 -4.95 -2.85
CA LEU A 202 -1.42 -5.37 -1.47
C LEU A 202 -2.17 -6.69 -1.29
N PRO A 203 -1.53 -7.69 -0.70
CA PRO A 203 -2.21 -8.97 -0.49
C PRO A 203 -3.27 -8.87 0.60
N MET A 204 -4.45 -9.41 0.33
CA MET A 204 -5.54 -9.33 1.31
C MET A 204 -5.24 -10.11 2.58
N SER A 205 -4.23 -10.97 2.52
CA SER A 205 -3.85 -11.76 3.68
C SER A 205 -3.19 -10.91 4.77
N LEU A 206 -2.99 -9.63 4.49
CA LEU A 206 -2.54 -8.68 5.51
C LEU A 206 -3.67 -8.32 6.47
N ALA A 207 -4.90 -8.64 6.09
CA ALA A 207 -6.04 -8.38 6.94
C ALA A 207 -5.80 -9.01 8.32
N GLY A 208 -6.00 -8.23 9.37
CA GLY A 208 -5.84 -8.71 10.72
C GLY A 208 -4.44 -8.47 11.27
N SER A 209 -3.50 -8.08 10.41
CA SER A 209 -2.15 -7.82 10.86
C SER A 209 -2.15 -6.78 11.97
N GLN A 210 -1.24 -6.93 12.93
CA GLN A 210 -1.11 -5.94 14.00
C GLN A 210 0.05 -4.97 13.75
N VAL A 211 0.52 -4.93 12.51
CA VAL A 211 1.59 -3.99 12.17
C VAL A 211 1.23 -2.58 12.59
N GLN A 212 2.19 -1.87 13.15
CA GLN A 212 1.99 -0.51 13.65
C GLN A 212 2.63 0.55 12.74
N SER A 213 3.77 0.22 12.12
CA SER A 213 4.43 1.14 11.21
C SER A 213 4.72 0.44 9.89
N LEU A 214 4.09 0.93 8.84
CA LEU A 214 4.19 0.31 7.53
C LEU A 214 4.72 1.33 6.54
N TRP A 215 5.91 1.07 5.99
CA TRP A 215 6.48 1.92 4.94
C TRP A 215 6.57 1.16 3.62
N LEU A 216 5.83 1.63 2.62
CA LEU A 216 5.87 1.02 1.29
C LEU A 216 6.08 2.07 0.20
N ASN A 217 6.47 3.27 0.61
CA ASN A 217 6.61 4.38 -0.32
C ASN A 217 7.70 4.18 -1.36
N GLY A 218 7.50 4.77 -2.54
CA GLY A 218 8.57 4.92 -3.50
C GLY A 218 8.80 3.77 -4.46
N GLN A 219 7.73 3.17 -4.96
CA GLN A 219 7.86 2.13 -5.97
C GLN A 219 6.63 2.08 -6.88
N LYS A 220 6.20 0.88 -7.26
CA LYS A 220 5.12 0.77 -8.25
C LYS A 220 3.99 -0.16 -7.81
N LEU A 221 3.64 -0.09 -6.53
CA LEU A 221 2.49 -0.84 -6.04
C LEU A 221 1.22 -0.30 -6.67
N THR A 222 0.27 -1.20 -6.94
CA THR A 222 -0.97 -0.82 -7.58
C THR A 222 -2.18 -1.32 -6.81
N GLY A 223 -3.37 -1.04 -7.35
CA GLY A 223 -4.60 -1.50 -6.72
C GLY A 223 -5.10 -0.58 -5.64
N ASP A 224 -6.15 -1.02 -4.93
CA ASP A 224 -6.74 -0.20 -3.88
C ASP A 224 -6.14 -0.52 -2.53
N ILE A 225 -6.44 0.32 -1.54
CA ILE A 225 -5.88 0.14 -0.21
C ILE A 225 -6.93 -0.28 0.82
N THR A 226 -7.98 -0.95 0.36
CA THR A 226 -9.05 -1.39 1.25
C THR A 226 -8.57 -2.30 2.38
N VAL A 227 -7.51 -3.07 2.13
CA VAL A 227 -7.01 -3.97 3.18
C VAL A 227 -6.59 -3.22 4.45
N LEU A 228 -6.31 -1.92 4.32
CA LEU A 228 -5.96 -1.10 5.49
C LEU A 228 -7.07 -1.11 6.54
N GLN A 229 -8.31 -1.29 6.11
CA GLN A 229 -9.46 -1.31 7.01
C GLN A 229 -9.32 -2.39 8.07
N ASN A 230 -8.67 -3.48 7.68
CA ASN A 230 -8.49 -4.65 8.54
C ASN A 230 -7.14 -4.65 9.25
N MET A 231 -6.49 -3.50 9.29
CA MET A 231 -5.20 -3.37 9.97
C MET A 231 -5.33 -2.28 11.03
N THR A 232 -5.95 -2.64 12.14
CA THR A 232 -6.40 -1.65 13.11
C THR A 232 -5.34 -1.19 14.11
N GLY A 233 -4.15 -1.78 14.02
CA GLY A 233 -3.06 -1.39 14.89
C GLY A 233 -2.18 -0.32 14.27
N LEU A 234 -2.47 0.07 13.05
CA LEU A 234 -1.63 1.04 12.33
C LEU A 234 -1.52 2.38 13.04
N LYS A 235 -0.29 2.83 13.23
CA LYS A 235 -0.01 4.18 13.74
C LYS A 235 0.59 5.06 12.65
N GLU A 236 1.42 4.46 11.80
CA GLU A 236 2.12 5.20 10.75
C GLU A 236 2.02 4.39 9.48
N VAL A 237 1.49 5.01 8.43
CA VAL A 237 1.25 4.36 7.14
C VAL A 237 1.83 5.25 6.05
N TRP A 238 2.92 4.82 5.42
CA TRP A 238 3.53 5.58 4.32
C TRP A 238 3.38 4.83 3.01
N LEU A 239 2.47 5.31 2.16
CA LEU A 239 2.19 4.65 0.89
C LEU A 239 2.46 5.59 -0.28
N HIS A 240 3.07 6.73 0.00
CA HIS A 240 3.27 7.74 -1.05
C HIS A 240 4.18 7.28 -2.18
N SER A 241 4.02 7.91 -3.33
CA SER A 241 4.87 7.63 -4.48
C SER A 241 4.75 6.18 -4.93
N ASN A 242 3.54 5.79 -5.28
CA ASN A 242 3.26 4.48 -5.84
C ASN A 242 2.25 4.67 -6.97
N LYS A 243 1.54 3.61 -7.32
CA LYS A 243 0.52 3.69 -8.35
C LYS A 243 -0.82 3.19 -7.82
N PHE A 244 -1.07 3.42 -6.54
CA PHE A 244 -2.33 3.03 -5.91
C PHE A 244 -3.48 3.82 -6.54
N SER A 245 -4.65 3.20 -6.57
CA SER A 245 -5.82 3.81 -7.18
C SER A 245 -7.06 3.45 -6.37
N GLY A 246 -8.23 3.80 -6.90
CA GLY A 246 -9.46 3.53 -6.20
C GLY A 246 -9.76 4.53 -5.11
N PRO A 247 -10.97 4.43 -4.51
CA PRO A 247 -11.37 5.36 -3.45
C PRO A 247 -10.72 5.03 -2.11
N LEU A 248 -10.74 6.00 -1.21
CA LEU A 248 -10.18 5.82 0.12
C LEU A 248 -11.11 4.97 0.98
N PRO A 249 -10.53 4.07 1.78
CA PRO A 249 -11.32 3.15 2.60
C PRO A 249 -11.89 3.79 3.86
N ASP A 250 -12.62 2.98 4.64
CA ASP A 250 -13.19 3.42 5.92
C ASP A 250 -12.12 3.34 7.00
N PHE A 251 -11.79 4.49 7.58
CA PHE A 251 -10.73 4.59 8.57
C PHE A 251 -11.20 4.53 10.03
N SER A 252 -12.51 4.41 10.24
CA SER A 252 -13.05 4.54 11.59
C SER A 252 -12.50 3.51 12.57
N GLY A 253 -12.04 2.38 12.06
CA GLY A 253 -11.46 1.34 12.90
C GLY A 253 -10.00 1.55 13.26
N LEU A 254 -9.32 2.46 12.57
CA LEU A 254 -7.90 2.71 12.81
C LEU A 254 -7.70 3.78 13.87
N LYS A 255 -8.09 3.46 15.10
CA LYS A 255 -8.18 4.45 16.17
C LYS A 255 -6.83 4.87 16.76
N GLU A 256 -5.74 4.26 16.27
CA GLU A 256 -4.40 4.65 16.70
C GLU A 256 -3.61 5.35 15.59
N LEU A 257 -4.24 5.55 14.44
CA LEU A 257 -3.55 6.11 13.28
C LEU A 257 -3.12 7.55 13.52
N GLU A 258 -1.82 7.81 13.42
CA GLU A 258 -1.26 9.14 13.67
C GLU A 258 -0.73 9.81 12.41
N SER A 259 -0.11 9.03 11.54
CA SER A 259 0.57 9.57 10.37
C SER A 259 0.16 8.78 9.12
N LEU A 260 -0.49 9.45 8.18
CA LEU A 260 -1.02 8.80 7.00
C LEU A 260 -0.52 9.52 5.75
N SER A 261 0.36 8.87 5.01
CA SER A 261 0.91 9.49 3.81
C SER A 261 0.47 8.76 2.57
N LEU A 262 -0.36 9.44 1.77
CA LEU A 262 -0.95 8.84 0.57
C LEU A 262 -0.62 9.65 -0.68
N ARG A 263 0.24 10.66 -0.55
CA ARG A 263 0.52 11.58 -1.65
C ARG A 263 1.18 10.90 -2.84
N ASP A 264 1.06 11.51 -4.01
CA ASP A 264 1.67 10.99 -5.22
C ASP A 264 1.17 9.57 -5.55
N ASN A 265 -0.14 9.44 -5.67
CA ASN A 265 -0.78 8.21 -6.12
C ASN A 265 -1.91 8.58 -7.05
N SER A 266 -2.84 7.66 -7.28
CA SER A 266 -3.97 7.90 -8.19
C SER A 266 -5.31 7.68 -7.49
N PHE A 267 -5.40 8.02 -6.21
CA PHE A 267 -6.63 7.82 -5.45
C PHE A 267 -7.76 8.69 -5.98
N THR A 268 -8.98 8.16 -5.89
CA THR A 268 -10.18 8.82 -6.42
C THR A 268 -11.23 8.98 -5.32
N GLY A 269 -12.35 9.60 -5.64
CA GLY A 269 -13.41 9.74 -4.66
C GLY A 269 -13.12 10.79 -3.59
N PRO A 270 -14.08 10.99 -2.68
CA PRO A 270 -13.96 12.05 -1.67
C PRO A 270 -13.09 11.63 -0.49
N VAL A 271 -12.71 12.60 0.32
CA VAL A 271 -12.04 12.28 1.57
C VAL A 271 -13.12 11.86 2.56
N PRO A 272 -13.03 10.63 3.07
CA PRO A 272 -14.10 10.06 3.91
C PRO A 272 -14.23 10.76 5.26
N ALA A 273 -15.46 10.90 5.73
CA ALA A 273 -15.71 11.50 7.03
C ALA A 273 -15.03 10.69 8.13
N SER A 274 -14.90 9.38 7.89
CA SER A 274 -14.27 8.51 8.89
C SER A 274 -12.81 8.90 9.14
N LEU A 275 -12.16 9.48 8.14
CA LEU A 275 -10.79 9.96 8.30
C LEU A 275 -10.78 11.34 8.94
N LEU A 276 -11.72 12.18 8.52
CA LEU A 276 -11.76 13.57 8.97
C LEU A 276 -12.05 13.70 10.46
N SER A 277 -12.69 12.70 11.05
CA SER A 277 -13.06 12.77 12.47
C SER A 277 -12.16 11.89 13.35
N LEU A 278 -11.15 11.29 12.74
CA LEU A 278 -10.22 10.41 13.46
C LEU A 278 -9.38 11.23 14.45
N GLU A 279 -9.65 11.06 15.75
CA GLU A 279 -9.03 11.89 16.78
C GLU A 279 -7.51 11.71 16.92
N SER A 280 -7.02 10.54 16.51
CA SER A 280 -5.61 10.21 16.69
C SER A 280 -4.70 10.85 15.64
N LEU A 281 -5.30 11.31 14.55
CA LEU A 281 -4.54 11.79 13.40
C LEU A 281 -3.69 13.02 13.72
N LYS A 282 -2.43 13.00 13.30
CA LYS A 282 -1.51 14.12 13.53
C LYS A 282 -0.91 14.67 12.23
N VAL A 283 -0.74 13.81 11.23
CA VAL A 283 -0.14 14.21 9.96
C VAL A 283 -0.82 13.45 8.83
N VAL A 284 -1.22 14.17 7.80
CA VAL A 284 -1.83 13.55 6.63
C VAL A 284 -1.31 14.20 5.35
N ASN A 285 -0.93 13.36 4.38
CA ASN A 285 -0.40 13.83 3.11
C ASN A 285 -1.29 13.33 1.98
N LEU A 286 -1.93 14.26 1.27
CA LEU A 286 -2.88 13.93 0.20
C LEU A 286 -2.52 14.55 -1.16
N THR A 287 -1.53 15.43 -1.17
CA THR A 287 -1.05 16.07 -2.40
C THR A 287 -0.90 15.09 -3.55
N ASN A 288 -1.30 15.52 -4.76
CA ASN A 288 -1.08 14.76 -5.98
C ASN A 288 -1.82 13.43 -6.00
N ASN A 289 -3.15 13.52 -6.05
CA ASN A 289 -4.01 12.38 -6.27
C ASN A 289 -5.15 12.90 -7.14
N HIS A 290 -6.23 12.14 -7.25
CA HIS A 290 -7.38 12.58 -8.03
C HIS A 290 -8.63 12.59 -7.16
N LEU A 291 -8.47 13.08 -5.94
CA LEU A 291 -9.56 13.11 -4.98
C LEU A 291 -10.63 14.11 -5.40
N GLN A 292 -11.89 13.77 -5.13
CA GLN A 292 -13.02 14.53 -5.64
C GLN A 292 -13.88 15.04 -4.51
N GLY A 293 -14.85 15.89 -4.84
CA GLY A 293 -15.75 16.46 -3.86
C GLY A 293 -15.17 17.67 -3.17
N PRO A 294 -15.69 18.01 -1.99
CA PRO A 294 -15.25 19.23 -1.32
C PRO A 294 -13.87 19.09 -0.68
N VAL A 295 -13.16 20.21 -0.58
CA VAL A 295 -11.87 20.24 0.09
C VAL A 295 -12.04 19.82 1.54
N PRO A 296 -11.19 18.88 2.01
CA PRO A 296 -11.33 18.37 3.38
C PRO A 296 -10.94 19.39 4.43
N VAL A 297 -11.69 19.41 5.53
CA VAL A 297 -11.31 20.18 6.71
C VAL A 297 -10.91 19.25 7.86
N PHE A 298 -9.63 19.23 8.18
CA PHE A 298 -9.13 18.45 9.30
C PHE A 298 -9.06 19.29 10.56
N LYS A 299 -8.98 18.62 11.71
CA LYS A 299 -8.80 19.32 12.98
C LYS A 299 -7.52 20.15 12.94
N SER A 300 -7.53 21.26 13.69
CA SER A 300 -6.42 22.21 13.72
C SER A 300 -5.09 21.58 14.07
N SER A 301 -5.12 20.53 14.88
CA SER A 301 -3.90 19.88 15.35
C SER A 301 -3.22 19.06 14.26
N VAL A 302 -3.97 18.72 13.21
CA VAL A 302 -3.43 17.90 12.12
C VAL A 302 -2.57 18.73 11.18
N SER A 303 -1.35 18.28 10.93
CA SER A 303 -0.51 18.90 9.91
C SER A 303 -0.90 18.30 8.57
N VAL A 304 -1.39 19.16 7.67
CA VAL A 304 -1.93 18.70 6.42
C VAL A 304 -1.03 19.08 5.25
N ASP A 305 -0.66 18.08 4.46
CA ASP A 305 0.10 18.26 3.25
C ASP A 305 -0.87 18.08 2.10
N LEU A 306 -1.36 19.20 1.56
CA LEU A 306 -2.34 19.17 0.49
C LEU A 306 -2.14 20.40 -0.38
N ASP A 307 -1.30 20.27 -1.40
CA ASP A 307 -0.97 21.40 -2.26
C ASP A 307 -2.19 21.85 -3.06
N LYS A 308 -2.30 23.17 -3.25
CA LYS A 308 -3.39 23.71 -4.05
C LYS A 308 -3.40 23.08 -5.43
N ASP A 309 -4.60 22.77 -5.91
CA ASP A 309 -4.81 22.32 -7.28
C ASP A 309 -4.12 20.98 -7.57
N SER A 310 -3.84 20.20 -6.53
CA SER A 310 -3.12 18.94 -6.73
C SER A 310 -4.03 17.72 -6.67
N ASN A 311 -5.33 17.95 -6.67
CA ASN A 311 -6.32 16.87 -6.72
C ASN A 311 -7.42 17.25 -7.72
N SER A 312 -8.64 16.75 -7.50
CA SER A 312 -9.76 17.08 -8.38
C SER A 312 -10.93 17.66 -7.61
N PHE A 313 -10.66 18.40 -6.54
CA PHE A 313 -11.74 18.91 -5.71
C PHE A 313 -12.57 19.95 -6.46
N CYS A 314 -13.81 20.15 -6.03
CA CYS A 314 -14.72 21.00 -6.78
C CYS A 314 -14.38 22.48 -6.62
N LEU A 315 -13.81 22.84 -5.47
CA LEU A 315 -13.36 24.20 -5.23
C LEU A 315 -11.91 24.20 -4.76
N SER A 316 -11.30 25.38 -4.74
CA SER A 316 -9.91 25.52 -4.31
C SER A 316 -9.77 25.66 -2.78
N SER A 317 -10.89 25.82 -2.10
CA SER A 317 -10.91 25.86 -0.64
C SER A 317 -12.20 25.22 -0.14
N PRO A 318 -12.32 25.00 1.18
CA PRO A 318 -13.49 24.32 1.74
C PRO A 318 -14.82 24.97 1.36
N GLY A 319 -15.82 24.13 1.14
CA GLY A 319 -17.13 24.61 0.79
C GLY A 319 -17.87 23.58 -0.01
N GLU A 320 -19.19 23.67 -0.01
CA GLU A 320 -20.04 22.71 -0.71
C GLU A 320 -19.91 22.86 -2.22
N CYS A 321 -19.96 21.74 -2.93
CA CYS A 321 -19.90 21.78 -4.39
C CYS A 321 -21.22 22.26 -4.98
N ASP A 322 -21.16 22.75 -6.22
CA ASP A 322 -22.34 23.10 -7.00
C ASP A 322 -23.32 21.92 -7.01
N PRO A 323 -24.63 22.23 -6.97
CA PRO A 323 -25.66 21.18 -6.96
C PRO A 323 -25.52 20.17 -8.11
N ARG A 324 -25.17 20.66 -9.30
CA ARG A 324 -25.00 19.77 -10.45
C ARG A 324 -23.83 18.84 -10.20
N VAL A 325 -22.76 19.39 -9.62
CA VAL A 325 -21.57 18.63 -9.32
C VAL A 325 -21.86 17.56 -8.27
N LYS A 326 -22.59 17.94 -7.21
CA LYS A 326 -22.97 16.99 -6.19
C LYS A 326 -23.70 15.79 -6.79
N SER A 327 -24.65 16.06 -7.69
CA SER A 327 -25.40 14.99 -8.33
C SER A 327 -24.49 14.09 -9.16
N LEU A 328 -23.63 14.70 -9.97
CA LEU A 328 -22.71 13.94 -10.80
C LEU A 328 -21.74 13.11 -9.97
N LEU A 329 -21.32 13.64 -8.82
CA LEU A 329 -20.41 12.87 -7.97
C LEU A 329 -21.09 11.66 -7.33
N LEU A 330 -22.38 11.77 -7.03
CA LEU A 330 -23.14 10.62 -6.55
C LEU A 330 -23.24 9.58 -7.65
N ILE A 331 -23.43 10.04 -8.88
CA ILE A 331 -23.46 9.16 -10.02
C ILE A 331 -22.11 8.47 -10.22
N ALA A 332 -21.03 9.23 -10.08
CA ALA A 332 -19.69 8.66 -10.20
C ALA A 332 -19.43 7.63 -9.11
N SER A 333 -19.88 7.92 -7.89
CA SER A 333 -19.73 6.99 -6.77
C SER A 333 -20.36 5.62 -7.07
N SER A 334 -21.54 5.63 -7.68
CA SER A 334 -22.24 4.39 -7.97
C SER A 334 -21.53 3.64 -9.10
N PHE A 335 -20.80 4.38 -9.92
CA PHE A 335 -19.97 3.80 -10.97
C PHE A 335 -18.57 3.47 -10.46
N ASP A 336 -18.42 3.38 -9.14
CA ASP A 336 -17.14 3.02 -8.53
C ASP A 336 -16.03 4.04 -8.79
N TYR A 337 -16.41 5.31 -8.91
CA TYR A 337 -15.46 6.40 -9.18
C TYR A 337 -14.53 6.14 -10.36
N PRO A 338 -15.08 6.13 -11.57
CA PRO A 338 -14.30 5.83 -12.78
C PRO A 338 -13.05 6.69 -12.85
N PRO A 339 -11.88 6.06 -13.03
CA PRO A 339 -10.61 6.79 -13.02
C PRO A 339 -10.55 7.94 -14.04
N ARG A 340 -11.08 7.75 -15.23
CA ARG A 340 -11.04 8.81 -16.22
C ARG A 340 -11.89 9.99 -15.79
N LEU A 341 -12.99 9.73 -15.10
CA LEU A 341 -13.82 10.83 -14.63
C LEU A 341 -13.17 11.57 -13.46
N ALA A 342 -12.44 10.87 -12.62
CA ALA A 342 -11.75 11.51 -11.50
C ALA A 342 -10.75 12.56 -12.00
N GLU A 343 -10.13 12.30 -13.15
CA GLU A 343 -9.15 13.25 -13.70
C GLU A 343 -9.76 14.33 -14.58
N SER A 344 -10.95 14.06 -15.12
CA SER A 344 -11.63 15.01 -16.00
C SER A 344 -12.54 15.98 -15.24
N TRP A 345 -13.33 15.44 -14.33
CA TRP A 345 -14.40 16.19 -13.67
C TRP A 345 -13.85 17.09 -12.55
N LYS A 346 -13.01 18.05 -12.96
CA LYS A 346 -12.37 18.96 -12.02
C LYS A 346 -13.16 20.24 -11.87
N GLY A 347 -13.05 20.86 -10.70
CA GLY A 347 -13.66 22.17 -10.51
C GLY A 347 -15.17 22.09 -10.30
N ASN A 348 -15.84 23.21 -10.51
CA ASN A 348 -17.22 23.35 -10.08
C ASN A 348 -18.20 23.61 -11.22
N ASP A 349 -17.75 23.42 -12.45
CA ASP A 349 -18.59 23.70 -13.62
C ASP A 349 -18.59 22.53 -14.59
N PRO A 350 -19.58 21.66 -14.48
CA PRO A 350 -19.60 20.46 -15.34
C PRO A 350 -19.85 20.79 -16.80
N CYS A 351 -20.22 22.03 -17.10
CA CYS A 351 -20.58 22.38 -18.46
C CYS A 351 -19.38 22.76 -19.31
N THR A 352 -18.20 22.75 -18.71
CA THR A 352 -16.98 23.04 -19.45
C THR A 352 -16.00 21.87 -19.37
N ASN A 353 -15.78 21.21 -20.50
CA ASN A 353 -14.69 20.25 -20.64
C ASN A 353 -14.75 19.05 -19.71
N TRP A 354 -15.96 18.55 -19.43
CA TRP A 354 -16.09 17.33 -18.65
C TRP A 354 -16.45 16.15 -19.55
N ILE A 355 -15.72 15.05 -19.41
CA ILE A 355 -16.03 13.85 -20.19
C ILE A 355 -17.50 13.48 -20.05
N GLY A 356 -18.17 13.27 -21.18
CA GLY A 356 -19.54 12.79 -21.19
C GLY A 356 -20.66 13.78 -20.86
N ILE A 357 -20.31 15.01 -20.50
CA ILE A 357 -21.33 15.95 -20.07
C ILE A 357 -21.57 17.06 -21.09
N ALA A 358 -22.83 17.21 -21.49
CA ALA A 358 -23.23 18.39 -22.26
C ALA A 358 -24.28 19.20 -21.51
N CYS A 359 -24.29 20.51 -21.72
CA CYS A 359 -25.25 21.38 -21.07
C CYS A 359 -25.90 22.34 -22.04
N SER A 360 -27.11 22.78 -21.69
CA SER A 360 -27.75 23.90 -22.36
C SER A 360 -28.11 24.96 -21.31
N ASN A 361 -27.59 26.16 -21.49
CA ASN A 361 -27.80 27.25 -20.53
C ASN A 361 -27.46 26.85 -19.10
N GLY A 362 -26.40 26.05 -18.93
CA GLY A 362 -25.96 25.66 -17.61
C GLY A 362 -26.66 24.43 -17.06
N ASN A 363 -27.69 23.95 -17.75
CA ASN A 363 -28.42 22.77 -17.30
C ASN A 363 -27.84 21.53 -17.96
N ILE A 364 -27.59 20.48 -17.18
CA ILE A 364 -27.08 19.25 -17.75
C ILE A 364 -28.14 18.56 -18.61
N THR A 365 -27.85 18.38 -19.89
CA THR A 365 -28.81 17.77 -20.82
C THR A 365 -28.39 16.38 -21.25
N VAL A 366 -27.09 16.12 -21.24
CA VAL A 366 -26.57 14.84 -21.70
C VAL A 366 -25.55 14.29 -20.72
N ILE A 367 -25.71 13.03 -20.36
CA ILE A 367 -24.66 12.27 -19.69
C ILE A 367 -24.42 11.06 -20.58
N SER A 368 -23.27 11.07 -21.27
CA SER A 368 -22.97 10.08 -22.30
C SER A 368 -21.63 9.42 -22.04
N LEU A 369 -21.68 8.19 -21.54
CA LEU A 369 -20.49 7.48 -21.09
C LEU A 369 -20.39 6.09 -21.72
N GLU A 370 -20.67 6.01 -23.01
CA GLU A 370 -20.57 4.74 -23.73
C GLU A 370 -19.12 4.27 -23.77
N LYS A 371 -18.92 2.97 -23.70
CA LYS A 371 -17.58 2.38 -23.85
C LYS A 371 -16.56 3.01 -22.92
N MET A 372 -16.89 3.04 -21.63
CA MET A 372 -16.00 3.59 -20.62
C MET A 372 -15.59 2.55 -19.58
N GLU A 373 -15.86 1.28 -19.89
CA GLU A 373 -15.62 0.18 -18.95
C GLU A 373 -16.16 0.46 -17.55
N LEU A 374 -17.33 1.10 -17.48
CA LEU A 374 -17.96 1.38 -16.20
C LEU A 374 -18.37 0.11 -15.48
N THR A 375 -18.12 0.07 -14.17
CA THR A 375 -18.66 -0.95 -13.30
C THR A 375 -19.58 -0.29 -12.30
N GLY A 376 -20.30 -1.10 -11.53
CA GLY A 376 -21.21 -0.58 -10.53
C GLY A 376 -22.64 -0.57 -11.02
N THR A 377 -23.42 0.40 -10.55
CA THR A 377 -24.85 0.44 -10.83
C THR A 377 -25.25 1.84 -11.25
N ILE A 378 -26.46 1.95 -11.79
CA ILE A 378 -27.02 3.25 -12.16
C ILE A 378 -27.63 3.91 -10.92
N SER A 379 -27.07 5.04 -10.52
CA SER A 379 -27.55 5.74 -9.33
C SER A 379 -28.95 6.32 -9.53
N PRO A 380 -29.82 6.18 -8.50
CA PRO A 380 -31.11 6.87 -8.60
C PRO A 380 -30.95 8.39 -8.71
N GLU A 381 -29.77 8.91 -8.41
CA GLU A 381 -29.54 10.35 -8.50
C GLU A 381 -29.67 10.90 -9.93
N PHE A 382 -29.60 10.03 -10.94
CA PHE A 382 -29.91 10.47 -12.29
C PHE A 382 -31.27 11.16 -12.30
N GLY A 383 -32.19 10.67 -11.47
CA GLY A 383 -33.54 11.20 -11.44
C GLY A 383 -33.64 12.62 -10.89
N ALA A 384 -32.61 13.07 -10.21
CA ALA A 384 -32.60 14.41 -9.63
C ALA A 384 -32.18 15.49 -10.63
N ILE A 385 -31.63 15.09 -11.76
CA ILE A 385 -31.16 16.05 -12.76
C ILE A 385 -32.26 16.25 -13.79
N LYS A 386 -33.21 17.11 -13.46
CA LYS A 386 -34.47 17.20 -14.21
C LYS A 386 -34.32 17.71 -15.65
N SER A 387 -33.18 18.30 -15.97
CA SER A 387 -32.93 18.81 -17.31
C SER A 387 -32.48 17.72 -18.29
N LEU A 388 -32.19 16.53 -17.79
CA LEU A 388 -31.63 15.47 -18.64
C LEU A 388 -32.50 15.12 -19.83
N GLN A 389 -31.86 15.05 -20.99
CA GLN A 389 -32.51 14.64 -22.24
C GLN A 389 -31.96 13.29 -22.70
N ARG A 390 -30.67 13.06 -22.49
CA ARG A 390 -30.02 11.84 -22.93
C ARG A 390 -29.21 11.22 -21.81
N ILE A 391 -29.46 9.95 -21.55
CA ILE A 391 -28.62 9.15 -20.64
C ILE A 391 -28.13 7.97 -21.47
N ILE A 392 -26.86 8.01 -21.81
CA ILE A 392 -26.28 7.02 -22.72
C ILE A 392 -25.18 6.27 -21.99
N LEU A 393 -25.42 4.99 -21.73
CA LEU A 393 -24.51 4.20 -20.91
C LEU A 393 -24.19 2.86 -21.55
N GLY A 394 -24.41 2.76 -22.86
CA GLY A 394 -24.22 1.53 -23.58
C GLY A 394 -22.79 1.02 -23.57
N ILE A 395 -22.64 -0.30 -23.66
CA ILE A 395 -21.34 -0.96 -23.75
C ILE A 395 -20.46 -0.66 -22.54
N ASN A 396 -20.87 -1.19 -21.40
CA ASN A 396 -20.12 -1.09 -20.15
C ASN A 396 -20.32 -2.38 -19.36
N ASN A 397 -19.97 -2.38 -18.08
CA ASN A 397 -20.12 -3.56 -17.25
C ASN A 397 -21.07 -3.30 -16.08
N LEU A 398 -22.10 -2.49 -16.31
CA LEU A 398 -23.04 -2.15 -15.24
C LEU A 398 -23.93 -3.31 -14.84
N THR A 399 -24.22 -3.39 -13.55
CA THR A 399 -25.14 -4.40 -13.03
C THR A 399 -26.28 -3.75 -12.27
N GLY A 400 -27.14 -4.57 -11.67
CA GLY A 400 -28.29 -4.05 -10.95
C GLY A 400 -29.46 -3.74 -11.88
N MET A 401 -30.38 -2.91 -11.40
CA MET A 401 -31.59 -2.61 -12.14
C MET A 401 -31.64 -1.16 -12.54
N ILE A 402 -32.54 -0.85 -13.46
CA ILE A 402 -32.79 0.52 -13.87
C ILE A 402 -33.68 1.18 -12.81
N PRO A 403 -33.15 2.19 -12.12
CA PRO A 403 -33.93 2.76 -11.02
C PRO A 403 -35.23 3.41 -11.47
N GLN A 404 -36.27 3.25 -10.67
CA GLN A 404 -37.56 3.84 -10.92
C GLN A 404 -37.47 5.35 -11.05
N GLU A 405 -36.51 5.96 -10.36
CA GLU A 405 -36.35 7.41 -10.38
C GLU A 405 -36.14 7.98 -11.80
N LEU A 406 -35.63 7.17 -12.71
CA LEU A 406 -35.37 7.67 -14.06
C LEU A 406 -36.67 7.98 -14.81
N THR A 407 -37.79 7.40 -14.36
CA THR A 407 -39.07 7.65 -15.01
C THR A 407 -39.64 9.02 -14.61
N THR A 408 -39.00 9.68 -13.65
CA THR A 408 -39.45 10.99 -13.19
C THR A 408 -38.70 12.14 -13.87
N LEU A 409 -37.99 11.83 -14.94
CA LEU A 409 -37.26 12.84 -15.70
C LEU A 409 -38.13 13.31 -16.86
N PRO A 410 -38.69 14.52 -16.74
CA PRO A 410 -39.74 14.95 -17.68
C PRO A 410 -39.24 15.32 -19.07
N ASN A 411 -37.93 15.54 -19.22
CA ASN A 411 -37.34 15.93 -20.49
C ASN A 411 -36.54 14.80 -21.14
N LEU A 412 -36.55 13.63 -20.49
CA LEU A 412 -35.77 12.52 -20.98
C LEU A 412 -36.31 12.06 -22.32
N LYS A 413 -35.42 11.98 -23.31
CA LYS A 413 -35.77 11.52 -24.65
C LYS A 413 -35.21 10.13 -24.90
N THR A 414 -33.99 9.89 -24.44
CA THR A 414 -33.29 8.65 -24.73
C THR A 414 -32.58 8.08 -23.52
N LEU A 415 -32.87 6.82 -23.21
CA LEU A 415 -32.12 6.07 -22.22
C LEU A 415 -31.55 4.85 -22.92
N ASP A 416 -30.25 4.83 -23.13
CA ASP A 416 -29.61 3.73 -23.80
C ASP A 416 -28.70 3.04 -22.81
N VAL A 417 -29.06 1.82 -22.43
CA VAL A 417 -28.27 1.05 -21.48
C VAL A 417 -27.85 -0.28 -22.11
N SER A 418 -27.76 -0.28 -23.44
CA SER A 418 -27.37 -1.47 -24.20
C SER A 418 -26.10 -2.10 -23.67
N SER A 419 -25.98 -3.41 -23.85
CA SER A 419 -24.72 -4.12 -23.65
C SER A 419 -24.11 -3.85 -22.30
N ASN A 420 -24.89 -4.13 -21.27
CA ASN A 420 -24.40 -4.17 -19.90
C ASN A 420 -24.81 -5.51 -19.29
N LYS A 421 -24.85 -5.58 -17.97
CA LYS A 421 -25.22 -6.80 -17.26
C LYS A 421 -26.40 -6.51 -16.33
N LEU A 422 -27.33 -5.68 -16.81
CA LEU A 422 -28.47 -5.28 -16.02
C LEU A 422 -29.52 -6.39 -15.90
N PHE A 423 -30.30 -6.33 -14.83
CA PHE A 423 -31.38 -7.29 -14.66
C PHE A 423 -32.64 -6.60 -14.14
N GLY A 424 -33.70 -7.38 -13.94
CA GLY A 424 -34.91 -6.85 -13.35
C GLY A 424 -35.86 -6.25 -14.36
N LYS A 425 -37.07 -5.93 -13.91
CA LYS A 425 -38.06 -5.29 -14.75
C LYS A 425 -37.62 -3.88 -15.12
N VAL A 426 -37.87 -3.51 -16.37
CA VAL A 426 -37.67 -2.14 -16.82
C VAL A 426 -38.86 -1.32 -16.32
N PRO A 427 -38.59 -0.26 -15.55
CA PRO A 427 -39.71 0.55 -15.06
C PRO A 427 -40.51 1.14 -16.22
N GLY A 428 -41.73 1.60 -15.92
CA GLY A 428 -42.60 2.15 -16.94
C GLY A 428 -42.31 3.62 -17.20
N PHE A 429 -41.78 3.90 -18.39
CA PHE A 429 -41.48 5.26 -18.81
C PHE A 429 -42.64 5.85 -19.58
N ARG A 430 -42.66 7.17 -19.71
CA ARG A 430 -43.61 7.83 -20.61
C ARG A 430 -43.53 7.19 -21.98
N SER A 431 -44.66 7.18 -22.69
CA SER A 431 -44.75 6.48 -23.98
C SER A 431 -43.89 7.08 -25.08
N ASN A 432 -43.30 8.26 -24.82
CA ASN A 432 -42.44 8.89 -25.82
C ASN A 432 -40.95 8.85 -25.47
N VAL A 433 -40.59 8.07 -24.45
CA VAL A 433 -39.18 7.89 -24.09
C VAL A 433 -38.58 6.72 -24.86
N VAL A 434 -37.47 6.97 -25.54
CA VAL A 434 -36.73 5.91 -26.22
C VAL A 434 -35.89 5.13 -25.20
N VAL A 435 -36.18 3.84 -25.05
CA VAL A 435 -35.45 3.01 -24.12
C VAL A 435 -34.80 1.87 -24.90
N ASN A 436 -33.52 1.64 -24.66
CA ASN A 436 -32.84 0.52 -25.31
C ASN A 436 -32.03 -0.31 -24.33
N THR A 437 -32.44 -1.56 -24.17
CA THR A 437 -31.75 -2.52 -23.31
C THR A 437 -31.11 -3.67 -24.11
N ASN A 438 -30.99 -3.48 -25.41
CA ASN A 438 -30.29 -4.44 -26.28
C ASN A 438 -29.01 -4.94 -25.62
N GLY A 439 -28.83 -6.26 -25.59
CA GLY A 439 -27.56 -6.81 -25.11
C GLY A 439 -27.43 -6.95 -23.61
N ASN A 440 -28.54 -6.87 -22.89
CA ASN A 440 -28.56 -7.23 -21.47
C ASN A 440 -29.31 -8.53 -21.32
N PRO A 441 -28.58 -9.66 -21.27
CA PRO A 441 -29.23 -10.97 -21.35
C PRO A 441 -30.18 -11.26 -20.19
N ASP A 442 -29.97 -10.61 -19.05
CA ASP A 442 -30.82 -10.85 -17.87
C ASP A 442 -31.90 -9.81 -17.64
N ILE A 443 -32.10 -8.90 -18.59
CA ILE A 443 -33.14 -7.90 -18.43
C ILE A 443 -34.48 -8.63 -18.27
N GLY A 444 -35.28 -8.19 -17.29
CA GLY A 444 -36.55 -8.85 -17.01
C GLY A 444 -36.47 -9.99 -16.01
N LYS A 445 -35.26 -10.45 -15.72
CA LYS A 445 -35.04 -11.52 -14.76
C LYS A 445 -34.69 -10.92 -13.40
N ASP A 446 -34.97 -11.68 -12.33
CA ASP A 446 -34.74 -11.17 -10.98
C ASP A 446 -33.56 -11.81 -10.26
N LYS A 447 -32.98 -10.79 -9.54
CA LYS A 447 -31.75 -11.27 -8.91
C LYS A 447 -31.48 -10.56 -7.59
C1 NAG B . 9.07 -24.17 10.57
C2 NAG B . 9.98 -25.36 10.81
C3 NAG B . 9.18 -26.66 10.74
C4 NAG B . 7.92 -26.64 11.58
C5 NAG B . 7.14 -25.38 11.22
C6 NAG B . 5.92 -25.22 12.09
C7 NAG B . 12.23 -24.84 10.05
C8 NAG B . 13.17 -24.85 8.89
N2 NAG B . 11.08 -25.46 9.88
O3 NAG B . 10.00 -27.73 11.11
O4 NAG B . 7.12 -27.74 11.25
O5 NAG B . 7.99 -24.30 11.45
O6 NAG B . 5.34 -23.95 11.92
O7 NAG B . 12.53 -24.26 11.06
C1 NAG B . 7.11 -28.76 12.28
C2 NAG B . 5.85 -29.62 12.15
C3 NAG B . 5.89 -30.81 13.08
C4 NAG B . 7.20 -31.55 12.92
C5 NAG B . 8.34 -30.59 13.17
C6 NAG B . 9.61 -31.41 13.02
C7 NAG B . 4.18 -28.21 13.35
C8 NAG B . 4.96 -28.34 14.59
N2 NAG B . 4.59 -28.89 12.28
O3 NAG B . 4.88 -31.70 12.69
O4 NAG B . 7.33 -32.57 13.89
O5 NAG B . 8.29 -29.55 12.21
O6 NAG B . 10.68 -30.67 12.51
O7 NAG B . 3.20 -27.49 13.35
C1 BMA B . 7.15 -33.85 13.34
C2 BMA B . 7.84 -34.86 14.21
C3 BMA B . 7.52 -36.28 13.75
C4 BMA B . 6.05 -36.48 13.50
C5 BMA B . 5.50 -35.35 12.66
C6 BMA B . 3.99 -35.54 12.54
O2 BMA B . 7.34 -34.74 15.51
O3 BMA B . 7.97 -37.20 14.72
O4 BMA B . 5.83 -37.68 12.78
O5 BMA B . 5.80 -34.16 13.35
O6 BMA B . 3.34 -34.52 11.79
C1 MAN B . 9.04 -37.86 14.10
C2 MAN B . 9.26 -39.15 14.83
C3 MAN B . 9.78 -38.80 16.21
C4 MAN B . 10.99 -37.90 16.21
C5 MAN B . 10.61 -36.67 15.43
C6 MAN B . 11.79 -35.72 15.31
O2 MAN B . 10.16 -40.02 14.11
O3 MAN B . 10.10 -39.99 16.88
O4 MAN B . 11.17 -37.42 17.51
O5 MAN B . 10.21 -37.10 14.15
O6 MAN B . 11.49 -34.60 14.48
C1 FUC B . 4.37 -23.87 10.81
C2 FUC B . 3.50 -22.65 11.14
C3 FUC B . 4.31 -21.37 10.97
C4 FUC B . 4.95 -21.35 9.61
C5 FUC B . 5.83 -22.57 9.48
C6 FUC B . 6.63 -22.55 8.19
O2 FUC B . 2.99 -22.69 12.46
O3 FUC B . 3.46 -20.25 11.23
O4 FUC B . 3.97 -21.41 8.62
O5 FUC B . 5.03 -23.73 9.56
C1 NAG C . 3.79 14.86 5.02
C2 NAG C . 5.21 14.94 4.51
C3 NAG C . 6.09 15.39 5.68
C4 NAG C . 5.57 16.66 6.32
C5 NAG C . 4.12 16.46 6.67
C6 NAG C . 3.46 17.68 7.21
C7 NAG C . 5.98 13.51 2.68
C8 NAG C . 6.41 12.12 2.30
N2 NAG C . 5.65 13.68 3.94
O3 NAG C . 7.40 15.56 5.17
O4 NAG C . 6.27 16.88 7.54
O5 NAG C . 3.41 16.12 5.49
O6 NAG C . 3.56 18.68 6.26
O7 NAG C . 5.98 14.37 1.89
C1 NAG C . 6.76 18.22 7.57
C2 NAG C . 7.17 18.49 9.00
C3 NAG C . 7.90 19.83 9.08
C4 NAG C . 9.06 19.82 8.11
C5 NAG C . 8.47 19.62 6.74
C6 NAG C . 9.55 19.63 5.66
C7 NAG C . 5.77 17.38 10.65
C8 NAG C . 6.62 16.16 10.62
N2 NAG C . 6.04 18.40 9.86
O3 NAG C . 8.43 19.95 10.38
O4 NAG C . 9.94 20.94 8.16
O5 NAG C . 7.90 18.33 6.81
O6 NAG C . 8.96 19.88 4.39
O7 NAG C . 4.85 17.39 11.43
#